data_4BLF
#
_entry.id   4BLF
#
_cell.length_a   1.000
_cell.length_b   1.000
_cell.length_c   1.000
_cell.angle_alpha   90.00
_cell.angle_beta   90.00
_cell.angle_gamma   90.00
#
_symmetry.space_group_name_H-M   'P 1'
#
_entity_poly.entity_id   1
_entity_poly.type   'polypeptide(L)'
_entity_poly.pdbx_seq_one_letter_code
;RRTDEYILVRQTGQDKFAGTTKCNLDHLPTKAEFNASCRLYRDGVGNYYPPPLAFERIDLPEQLAAQLHNLEPREQSKQC
FQYKLEVWNRAHAEMGITGTDIFYQTDKNIKLDRNYKLRPEDRYIQTEKYGRREIQKRYEHQFQAGSLLPDILIKTPQND
IHFSYRFAGDAYANKRFEEFERAIKTKYGSDTEIKLKSKSGIMHDSKYLESWERGSADIRFAEFAG
;
_entity_poly.pdbx_strand_id   A
#
# COMPACT_ATOMS: atom_id res chain seq x y z
N ARG A 1 2.73 16.01 -15.08
CA ARG A 1 2.91 14.75 -14.28
C ARG A 1 4.04 14.79 -13.23
N ARG A 2 3.74 14.29 -12.03
CA ARG A 2 4.72 14.21 -10.96
C ARG A 2 5.70 13.12 -11.27
N THR A 3 7.01 13.44 -10.91
CA THR A 3 8.11 12.48 -11.04
C THR A 3 8.05 11.27 -10.06
N ASP A 4 7.26 11.38 -9.00
CA ASP A 4 7.09 10.37 -7.97
C ASP A 4 5.67 9.81 -7.90
N GLU A 5 4.92 9.84 -9.03
CA GLU A 5 3.51 9.41 -9.11
C GLU A 5 3.34 7.87 -8.94
N TYR A 6 4.46 7.13 -9.13
CA TYR A 6 4.54 5.74 -8.69
C TYR A 6 5.93 5.36 -8.17
N ILE A 7 5.91 4.31 -7.31
CA ILE A 7 7.07 3.64 -6.79
C ILE A 7 6.93 2.13 -7.12
N LEU A 8 8.02 1.50 -7.58
CA LEU A 8 8.05 0.05 -7.83
C LEU A 8 8.73 -0.64 -6.69
N VAL A 9 8.04 -1.57 -5.96
CA VAL A 9 8.64 -2.25 -4.79
C VAL A 9 8.96 -3.70 -5.14
N ARG A 10 10.10 -4.17 -4.64
CA ARG A 10 10.50 -5.58 -4.82
C ARG A 10 10.98 -6.23 -3.54
N GLN A 11 10.76 -7.58 -3.41
CA GLN A 11 11.25 -8.39 -2.28
C GLN A 11 12.73 -8.79 -2.47
N THR A 12 13.57 -8.56 -1.49
CA THR A 12 14.98 -8.93 -1.66
C THR A 12 15.48 -9.81 -0.52
N GLY A 13 14.51 -10.55 0.26
CA GLY A 13 14.91 -11.21 1.52
C GLY A 13 13.72 -11.62 2.35
N GLN A 14 13.95 -12.41 3.42
CA GLN A 14 12.87 -12.65 4.39
C GLN A 14 12.61 -11.29 5.06
N ASP A 15 11.38 -10.82 4.87
CA ASP A 15 10.97 -9.51 5.42
C ASP A 15 11.89 -8.34 4.97
N LYS A 16 12.47 -8.45 3.78
CA LYS A 16 13.34 -7.39 3.26
C LYS A 16 12.83 -6.92 1.89
N PHE A 17 12.88 -5.55 1.55
CA PHE A 17 12.27 -4.94 0.36
C PHE A 17 13.14 -3.83 -0.13
N ALA A 18 13.01 -3.52 -1.43
CA ALA A 18 13.66 -2.35 -2.00
C ALA A 18 12.65 -1.66 -2.91
N GLY A 19 12.68 -0.31 -3.10
CA GLY A 19 11.75 0.46 -3.95
C GLY A 19 12.53 1.35 -4.88
N THR A 20 12.01 1.56 -6.08
CA THR A 20 12.49 2.67 -6.91
C THR A 20 11.38 3.56 -7.46
N THR A 21 11.54 4.88 -7.27
CA THR A 21 10.56 5.85 -7.73
C THR A 21 10.59 5.94 -9.24
N LYS A 22 9.44 6.17 -9.85
CA LYS A 22 9.37 6.28 -11.29
C LYS A 22 10.54 7.08 -11.93
N CYS A 23 10.86 8.30 -11.42
CA CYS A 23 11.92 9.17 -12.00
C CYS A 23 13.38 8.63 -11.85
N ASN A 24 13.59 7.63 -10.96
CA ASN A 24 14.93 7.02 -10.71
C ASN A 24 15.14 5.72 -11.50
N LEU A 25 14.14 5.24 -12.11
CA LEU A 25 14.32 4.03 -12.91
C LEU A 25 15.36 4.19 -14.04
N ASP A 26 16.37 3.29 -14.07
CA ASP A 26 17.44 3.36 -15.09
C ASP A 26 17.04 2.73 -16.42
N HIS A 27 15.82 2.26 -16.54
CA HIS A 27 15.39 1.57 -17.77
C HIS A 27 13.87 1.63 -17.77
N LEU A 28 13.32 1.21 -18.90
CA LEU A 28 11.92 1.20 -19.11
C LEU A 28 11.41 -0.20 -18.76
N PRO A 29 10.71 -0.32 -17.58
CA PRO A 29 10.44 -1.71 -17.14
C PRO A 29 9.51 -2.42 -18.13
N THR A 30 9.69 -3.73 -18.31
CA THR A 30 8.81 -4.51 -19.19
C THR A 30 7.52 -4.80 -18.43
N LYS A 31 6.64 -5.43 -19.10
CA LYS A 31 5.28 -5.62 -18.56
C LYS A 31 5.40 -6.62 -17.45
N ALA A 32 6.37 -7.55 -17.61
CA ALA A 32 6.69 -8.57 -16.59
C ALA A 32 7.21 -7.94 -15.27
N GLU A 33 8.17 -7.08 -15.41
CA GLU A 33 8.68 -6.34 -14.28
C GLU A 33 7.56 -5.52 -13.55
N PHE A 34 6.81 -4.74 -14.31
CA PHE A 34 5.60 -4.03 -13.80
C PHE A 34 4.66 -4.98 -13.06
N ASN A 35 4.38 -6.14 -13.62
CA ASN A 35 3.47 -7.14 -13.02
C ASN A 35 3.99 -7.99 -11.87
N ALA A 36 5.31 -7.98 -11.65
CA ALA A 36 5.98 -8.75 -10.56
C ALA A 36 6.25 -7.90 -9.36
N SER A 37 6.32 -6.62 -9.56
CA SER A 37 6.49 -5.62 -8.48
C SER A 37 5.19 -5.40 -7.72
N CYS A 38 5.33 -4.97 -6.45
CA CYS A 38 4.29 -4.17 -5.82
C CYS A 38 4.30 -2.68 -6.35
N ARG A 39 3.32 -2.26 -7.16
CA ARG A 39 3.24 -0.89 -7.71
C ARG A 39 2.47 0.08 -6.78
N LEU A 40 3.11 1.15 -6.36
CA LEU A 40 2.47 2.09 -5.43
C LEU A 40 2.11 3.37 -6.20
N TYR A 41 0.80 3.77 -6.23
CA TYR A 41 0.34 4.99 -6.96
C TYR A 41 0.12 6.17 -5.97
N ARG A 42 0.71 7.31 -6.24
CA ARG A 42 0.59 8.50 -5.37
C ARG A 42 -0.83 9.08 -5.60
N ASP A 43 -1.68 9.35 -4.56
CA ASP A 43 -2.98 10.03 -4.74
C ASP A 43 -2.77 11.54 -4.62
N GLY A 44 -3.86 12.31 -4.49
CA GLY A 44 -3.74 13.77 -4.48
C GLY A 44 -3.06 14.42 -3.29
N VAL A 45 -2.84 13.76 -2.19
CA VAL A 45 -2.11 14.23 -1.00
C VAL A 45 -0.78 13.48 -0.73
N GLY A 46 -0.34 12.58 -1.61
CA GLY A 46 0.94 11.91 -1.34
C GLY A 46 0.85 10.61 -0.51
N ASN A 47 -0.39 10.11 -0.33
CA ASN A 47 -0.64 8.69 0.05
C ASN A 47 -0.31 7.82 -1.15
N TYR A 48 0.13 6.61 -0.88
CA TYR A 48 0.48 5.65 -1.93
C TYR A 48 -0.39 4.37 -1.81
N TYR A 49 -1.07 4.03 -2.94
CA TYR A 49 -2.00 2.88 -3.01
C TYR A 49 -1.40 1.79 -3.85
N PRO A 50 -1.49 0.53 -3.34
CA PRO A 50 -1.11 -0.64 -4.13
C PRO A 50 -2.28 -0.95 -5.01
N PRO A 51 -2.05 -1.88 -6.04
CA PRO A 51 -2.94 -1.97 -7.18
C PRO A 51 -4.42 -2.32 -6.94
N PRO A 52 -4.73 -3.41 -6.14
CA PRO A 52 -6.14 -3.83 -5.95
C PRO A 52 -6.94 -2.72 -5.24
N LEU A 53 -6.20 -1.85 -4.35
CA LEU A 53 -6.82 -0.69 -3.73
C LEU A 53 -6.90 0.55 -4.59
N ALA A 54 -5.87 0.89 -5.34
CA ALA A 54 -5.97 1.96 -6.31
C ALA A 54 -7.10 1.74 -7.28
N PHE A 55 -7.28 0.50 -7.72
CA PHE A 55 -8.36 0.08 -8.60
C PHE A 55 -9.75 0.18 -7.92
N GLU A 56 -9.92 -0.45 -6.75
CA GLU A 56 -11.24 -0.42 -6.06
C GLU A 56 -11.61 0.99 -5.57
N ARG A 57 -10.39 2.01 -5.37
CA ARG A 57 -10.62 3.44 -5.07
C ARG A 57 -11.40 4.19 -6.20
N ILE A 58 -11.46 3.61 -7.41
CA ILE A 58 -12.40 4.16 -8.42
C ILE A 58 -13.84 4.08 -7.86
N ASP A 59 -15.00 4.73 -7.90
CA ASP A 59 -16.32 4.17 -7.16
C ASP A 59 -17.51 3.90 -8.17
N LEU A 60 -18.47 2.87 -7.80
CA LEU A 60 -19.70 2.67 -8.68
C LEU A 60 -20.99 3.67 -8.33
N PRO A 61 -21.79 4.14 -9.33
CA PRO A 61 -23.32 4.84 -9.08
C PRO A 61 -24.40 3.79 -8.13
N GLU A 62 -25.05 4.37 -6.99
CA GLU A 62 -26.44 3.84 -6.11
C GLU A 62 -27.61 2.98 -6.85
N GLN A 63 -28.21 3.63 -7.98
CA GLN A 63 -29.41 3.01 -8.69
C GLN A 63 -28.78 1.61 -9.32
N LEU A 64 -27.40 1.76 -10.03
CA LEU A 64 -26.55 0.52 -10.66
C LEU A 64 -26.22 -0.78 -9.53
N ALA A 65 -25.68 -0.47 -8.35
CA ALA A 65 -25.42 -1.66 -7.18
C ALA A 65 -26.92 -2.52 -6.69
N ALA A 66 -28.18 -1.72 -6.28
CA ALA A 66 -29.71 -2.37 -5.76
C ALA A 66 -30.34 -3.43 -6.72
N GLN A 67 -30.47 -2.76 -8.11
CA GLN A 67 -30.83 -3.49 -9.35
C GLN A 67 -29.64 -4.71 -9.74
N LEU A 68 -29.40 -5.94 -8.85
CA LEU A 68 -27.92 -6.81 -9.02
C LEU A 68 -27.54 -7.84 -7.66
N LEU A 71 -31.07 -9.71 -7.98
CA LEU A 71 -29.82 -10.47 -7.23
C LEU A 71 -29.35 -11.88 -7.97
N GLU A 72 -27.97 -12.59 -7.79
CA GLU A 72 -27.21 -13.40 -8.93
C GLU A 72 -26.20 -14.91 -8.89
N PRO A 73 -24.98 -15.34 -8.16
CA PRO A 73 -23.80 -14.53 -7.60
C PRO A 73 -22.55 -14.39 -8.83
N ARG A 74 -21.06 -14.71 -8.58
CA ARG A 74 -19.74 -14.82 -9.70
C ARG A 74 -19.80 -13.88 -11.16
N GLU A 75 -21.15 -13.71 -11.70
CA GLU A 75 -21.50 -12.49 -12.80
C GLU A 75 -21.55 -11.06 -12.10
N GLN A 76 -21.70 -11.28 -10.69
CA GLN A 76 -21.69 -10.10 -9.80
C GLN A 76 -20.12 -9.41 -10.02
N SER A 77 -19.15 -10.40 -9.75
CA SER A 77 -17.56 -9.97 -10.01
C SER A 77 -17.18 -9.32 -11.53
N LYS A 78 -17.59 -10.15 -12.52
CA LYS A 78 -17.36 -9.60 -14.03
C LYS A 78 -17.99 -7.96 -14.38
N GLN A 79 -19.17 -7.51 -13.81
CA GLN A 79 -19.89 -6.06 -14.31
C GLN A 79 -19.30 -4.76 -13.59
N CYS A 80 -19.03 -5.08 -12.25
CA CYS A 80 -18.23 -4.05 -11.51
C CYS A 80 -16.69 -3.66 -12.25
N PHE A 81 -16.19 -4.72 -12.56
CA PHE A 81 -14.77 -4.79 -13.17
C PHE A 81 -14.60 -3.98 -14.56
N GLN A 82 -15.62 -4.14 -15.42
CA GLN A 82 -15.59 -3.48 -16.77
C GLN A 82 -15.79 -1.93 -16.54
N TYR A 83 -16.68 -1.68 -15.50
CA TYR A 83 -16.84 -0.17 -15.26
C TYR A 83 -15.47 0.51 -14.79
N LYS A 84 -14.87 -0.09 -13.70
CA LYS A 84 -13.54 0.49 -13.18
C LYS A 84 -12.31 0.38 -14.21
N LEU A 85 -12.23 -0.92 -14.95
CA LEU A 85 -11.19 -1.21 -16.02
C LEU A 85 -10.99 -0.01 -17.00
N GLU A 86 -12.07 0.70 -17.36
CA GLU A 86 -11.89 1.88 -18.28
C GLU A 86 -11.29 3.12 -17.59
N VAL A 87 -11.60 3.26 -16.44
CA VAL A 87 -10.94 4.34 -15.69
C VAL A 87 -9.48 3.95 -15.47
N TRP A 88 -9.27 2.70 -15.03
CA TRP A 88 -7.93 2.22 -14.67
C TRP A 88 -6.98 2.27 -15.90
N ASN A 89 -7.30 1.56 -16.95
CA ASN A 89 -6.62 1.60 -18.30
C ASN A 89 -6.23 2.98 -18.82
N ARG A 90 -7.16 3.92 -18.70
CA ARG A 90 -6.87 5.32 -19.10
C ARG A 90 -5.84 5.95 -18.15
N ALA A 91 -5.74 5.65 -17.03
CA ALA A 91 -4.68 6.15 -16.12
C ALA A 91 -3.30 5.46 -16.36
N HIS A 92 -3.29 4.16 -16.64
CA HIS A 92 -2.04 3.44 -16.87
C HIS A 92 -1.35 3.89 -18.14
N ALA A 93 -2.17 4.05 -19.12
CA ALA A 93 -1.77 4.65 -20.44
C ALA A 93 -1.07 5.98 -20.37
N GLU A 94 -1.64 6.91 -19.59
CA GLU A 94 -1.02 8.18 -19.28
C GLU A 94 0.25 8.07 -18.44
N MET A 95 0.40 7.16 -17.52
CA MET A 95 1.60 6.99 -16.67
C MET A 95 2.71 6.17 -17.39
N GLY A 96 2.36 5.52 -18.49
CA GLY A 96 3.33 4.73 -19.25
C GLY A 96 3.57 3.33 -18.71
N ILE A 97 2.71 2.87 -17.88
CA ILE A 97 2.82 1.54 -17.26
C ILE A 97 2.21 0.48 -18.16
N THR A 98 2.95 -0.55 -18.54
CA THR A 98 2.38 -1.61 -19.40
C THR A 98 1.92 -2.88 -18.70
N GLY A 99 2.42 -3.09 -17.48
CA GLY A 99 1.89 -4.17 -16.67
C GLY A 99 0.83 -3.60 -15.71
N THR A 100 -0.41 -3.90 -16.03
CA THR A 100 -1.61 -3.28 -15.50
C THR A 100 -2.51 -4.27 -14.74
N ASP A 101 -1.80 -5.50 -14.29
CA ASP A 101 -2.55 -6.43 -13.40
C ASP A 101 -3.04 -5.71 -12.15
N ILE A 102 -4.21 -6.10 -11.68
CA ILE A 102 -4.88 -5.49 -10.53
C ILE A 102 -4.58 -6.25 -9.23
N PHE A 103 -4.58 -7.67 -9.45
CA PHE A 103 -4.22 -8.48 -8.24
C PHE A 103 -5.33 -8.47 -7.20
N TYR A 104 -6.55 -8.48 -7.70
CA TYR A 104 -7.72 -8.53 -6.84
C TYR A 104 -8.06 -9.96 -6.35
N GLN A 105 -7.53 -10.86 -7.12
CA GLN A 105 -7.94 -12.29 -6.84
C GLN A 105 -7.75 -12.67 -5.39
N THR A 106 -8.82 -13.21 -4.78
CA THR A 106 -8.81 -13.62 -3.35
C THR A 106 -8.20 -15.04 -3.19
N ASP A 107 -7.71 -15.30 -2.09
CA ASP A 107 -7.25 -16.60 -1.66
C ASP A 107 -8.51 -17.49 -1.39
N LYS A 108 -8.68 -18.51 -2.22
CA LYS A 108 -9.97 -19.22 -2.19
C LYS A 108 -10.05 -20.37 -1.11
N ASN A 109 -9.05 -20.74 -0.49
CA ASN A 109 -9.03 -21.54 0.78
C ASN A 109 -9.60 -20.82 2.03
N ILE A 110 -9.75 -19.47 1.94
CA ILE A 110 -10.22 -18.67 3.08
C ILE A 110 -11.76 -18.31 2.97
N LYS A 111 -12.66 -18.60 3.95
CA LYS A 111 -14.09 -18.27 4.01
C LYS A 111 -14.39 -17.12 4.98
N LEU A 112 -15.29 -16.20 4.57
CA LEU A 112 -15.63 -15.02 5.33
C LEU A 112 -16.65 -15.35 6.49
N ASP A 113 -16.66 -14.53 7.56
CA ASP A 113 -17.83 -14.52 8.52
C ASP A 113 -19.08 -13.69 7.94
N ARG A 114 -20.24 -13.75 8.67
CA ARG A 114 -21.59 -13.26 8.15
C ARG A 114 -21.64 -11.71 7.85
N ASN A 115 -20.77 -10.98 8.47
CA ASN A 115 -20.58 -9.51 8.24
C ASN A 115 -19.75 -9.27 6.91
N TYR A 116 -19.54 -10.38 6.17
CA TYR A 116 -18.62 -10.41 4.96
C TYR A 116 -17.15 -9.92 5.25
N LYS A 117 -16.68 -10.36 6.55
CA LYS A 117 -15.24 -10.00 6.82
C LYS A 117 -14.39 -11.24 7.20
N LEU A 118 -13.06 -11.03 7.25
CA LEU A 118 -12.15 -12.08 7.72
C LEU A 118 -12.47 -12.57 9.17
N ARG A 119 -12.42 -13.81 9.43
CA ARG A 119 -12.33 -14.34 10.83
C ARG A 119 -11.01 -13.81 11.46
N PRO A 120 -11.01 -13.64 12.80
CA PRO A 120 -9.76 -13.19 13.44
C PRO A 120 -8.56 -14.14 13.20
N GLU A 121 -8.76 -15.43 13.13
CA GLU A 121 -7.62 -16.29 12.81
C GLU A 121 -7.07 -16.14 11.40
N ASP A 122 -7.75 -15.40 10.50
CA ASP A 122 -7.24 -15.28 9.11
C ASP A 122 -6.69 -13.89 8.77
N ARG A 123 -6.68 -12.98 9.69
CA ARG A 123 -6.34 -11.57 9.45
C ARG A 123 -4.97 -11.11 9.89
N TYR A 124 -4.01 -12.04 10.05
CA TYR A 124 -2.59 -11.71 10.42
C TYR A 124 -1.54 -12.28 9.50
N ILE A 125 -0.42 -11.39 9.20
CA ILE A 125 0.78 -11.87 8.56
C ILE A 125 1.83 -11.95 9.65
N GLN A 126 2.64 -13.01 9.64
CA GLN A 126 3.75 -13.22 10.56
C GLN A 126 5.06 -12.79 9.91
N THR A 127 5.76 -11.87 10.46
CA THR A 127 7.13 -11.61 10.08
C THR A 127 8.05 -12.62 10.86
N GLU A 128 9.23 -12.86 10.30
CA GLU A 128 10.21 -13.71 11.00
C GLU A 128 10.71 -13.13 12.31
N LYS A 129 11.04 -11.83 12.34
CA LYS A 129 11.71 -11.16 13.46
C LYS A 129 10.87 -10.07 14.13
N TYR A 130 9.78 -9.57 13.49
CA TYR A 130 9.16 -8.33 13.91
C TYR A 130 7.76 -8.39 14.50
N GLY A 131 7.25 -9.66 14.76
CA GLY A 131 5.89 -9.81 15.28
C GLY A 131 4.88 -10.00 14.12
N ARG A 132 3.60 -10.04 14.45
CA ARG A 132 2.51 -10.14 13.45
C ARG A 132 2.01 -8.78 12.96
N ARG A 133 1.38 -8.74 11.86
CA ARG A 133 0.68 -7.53 11.44
C ARG A 133 -0.73 -7.83 10.91
N GLU A 134 -1.70 -7.04 11.39
CA GLU A 134 -3.09 -7.22 10.94
C GLU A 134 -3.33 -6.73 9.47
N ILE A 135 -4.09 -7.46 8.67
CA ILE A 135 -4.44 -6.99 7.30
C ILE A 135 -5.96 -7.00 7.14
N GLN A 136 -6.42 -6.33 6.07
CA GLN A 136 -7.82 -6.11 5.71
C GLN A 136 -8.44 -7.24 4.83
N LYS A 137 -7.63 -7.98 3.99
CA LYS A 137 -8.12 -8.85 2.95
C LYS A 137 -7.00 -9.80 2.57
N ARG A 138 -7.40 -11.07 2.27
CA ARG A 138 -6.53 -12.16 1.79
C ARG A 138 -6.54 -12.31 0.30
N TYR A 139 -5.24 -12.03 -0.26
CA TYR A 139 -5.12 -11.98 -1.70
C TYR A 139 -4.37 -13.22 -2.14
N GLU A 140 -4.74 -13.76 -3.31
CA GLU A 140 -4.00 -14.84 -3.93
C GLU A 140 -2.51 -14.47 -4.18
N HIS A 141 -2.23 -13.14 -4.73
CA HIS A 141 -0.84 -12.65 -4.92
C HIS A 141 -0.55 -11.59 -3.86
N GLN A 142 -0.13 -12.06 -2.70
CA GLN A 142 -0.02 -11.22 -1.54
C GLN A 142 1.02 -10.11 -1.67
N PHE A 143 2.22 -10.32 -2.41
CA PHE A 143 3.22 -9.27 -2.51
C PHE A 143 2.72 -8.14 -3.44
N GLN A 144 2.26 -8.49 -4.63
CA GLN A 144 1.79 -7.57 -5.63
C GLN A 144 0.58 -6.80 -5.23
N ALA A 145 -0.25 -7.43 -4.36
CA ALA A 145 -1.43 -6.76 -3.84
C ALA A 145 -1.11 -5.72 -2.77
N GLY A 146 0.12 -5.70 -2.26
CA GLY A 146 0.49 -4.67 -1.24
C GLY A 146 0.36 -5.20 0.19
N SER A 147 -0.13 -6.48 0.27
CA SER A 147 -0.38 -7.05 1.59
C SER A 147 0.83 -7.66 2.29
N LEU A 148 2.04 -7.19 1.97
CA LEU A 148 3.28 -7.68 2.55
C LEU A 148 4.37 -6.64 2.74
N LEU A 149 4.00 -5.34 2.87
CA LEU A 149 5.01 -4.29 2.89
C LEU A 149 5.36 -3.98 4.32
N PRO A 150 6.46 -3.27 4.52
CA PRO A 150 6.83 -2.83 5.89
C PRO A 150 5.96 -1.66 6.37
N ASP A 151 6.11 -1.34 7.64
CA ASP A 151 5.34 -0.38 8.35
C ASP A 151 5.60 1.04 7.76
N ILE A 152 6.87 1.32 7.42
CA ILE A 152 7.37 2.69 7.25
C ILE A 152 8.03 2.73 5.91
N LEU A 153 7.66 3.74 5.10
CA LEU A 153 8.36 4.10 3.84
C LEU A 153 8.92 5.54 3.93
N ILE A 154 10.22 5.73 3.75
CA ILE A 154 10.85 7.04 3.76
C ILE A 154 11.18 7.35 2.31
N LYS A 155 10.82 8.53 1.81
CA LYS A 155 11.17 8.89 0.46
C LYS A 155 11.98 10.19 0.54
N THR A 156 13.30 10.11 0.28
CA THR A 156 14.20 11.28 0.48
C THR A 156 13.94 12.35 -0.60
N PRO A 157 14.53 13.58 -0.40
CA PRO A 157 14.42 14.63 -1.41
C PRO A 157 14.94 14.23 -2.81
N GLN A 158 15.85 13.23 -2.86
CA GLN A 158 16.30 12.63 -4.17
C GLN A 158 15.36 11.51 -4.72
N ASN A 159 14.27 11.14 -3.95
CA ASN A 159 13.22 10.21 -4.37
C ASN A 159 13.68 8.77 -4.21
N ASP A 160 14.69 8.60 -3.37
CA ASP A 160 15.20 7.33 -2.93
C ASP A 160 14.28 6.83 -1.80
N ILE A 161 14.06 5.51 -1.76
CA ILE A 161 13.12 4.86 -0.87
C ILE A 161 13.89 4.08 0.17
N HIS A 162 13.57 4.29 1.46
CA HIS A 162 14.06 3.39 2.51
C HIS A 162 12.87 2.82 3.25
N PHE A 163 12.97 1.57 3.71
CA PHE A 163 11.86 0.86 4.33
C PHE A 163 12.27 0.42 5.67
N SER A 164 11.31 0.39 6.58
CA SER A 164 11.56 0.06 7.96
C SER A 164 10.38 -0.72 8.59
N TYR A 165 10.70 -1.68 9.56
CA TYR A 165 9.75 -2.31 10.50
C TYR A 165 10.01 -1.83 11.94
N ARG A 166 8.96 -1.50 12.70
CA ARG A 166 9.01 -1.37 14.14
C ARG A 166 9.04 -2.77 14.78
N PHE A 167 9.55 -2.88 16.01
CA PHE A 167 9.31 -4.07 16.88
C PHE A 167 9.23 -3.65 18.35
N ALA A 168 8.47 -4.41 19.15
CA ALA A 168 8.43 -4.25 20.63
C ALA A 168 9.83 -4.15 21.16
N GLY A 169 10.13 -3.00 21.80
CA GLY A 169 11.42 -2.69 22.39
C GLY A 169 12.54 -2.34 21.43
N ASP A 170 12.23 -1.66 20.32
CA ASP A 170 13.27 -1.24 19.36
C ASP A 170 13.90 0.08 19.77
N ALA A 171 14.86 0.60 18.96
CA ALA A 171 15.54 1.87 19.28
C ALA A 171 14.57 3.04 19.58
N TYR A 172 13.30 2.98 19.10
CA TYR A 172 12.30 4.01 19.46
C TYR A 172 11.23 3.58 20.46
N ALA A 173 11.40 2.45 21.16
CA ALA A 173 10.40 2.07 22.18
C ALA A 173 10.02 3.23 23.15
N ASN A 174 8.71 3.48 23.25
CA ASN A 174 8.12 4.56 24.04
C ASN A 174 8.64 5.97 23.66
N LYS A 175 9.25 6.09 22.46
CA LYS A 175 9.60 7.38 21.85
C LYS A 175 8.54 7.83 20.80
N ARG A 176 8.39 9.16 20.64
CA ARG A 176 7.24 9.73 19.91
C ARG A 176 7.56 9.76 18.43
N PHE A 177 6.51 9.65 17.58
CA PHE A 177 6.71 9.75 16.15
C PHE A 177 7.55 11.00 15.78
N GLU A 178 7.23 12.14 16.36
CA GLU A 178 7.95 13.44 16.10
C GLU A 178 9.48 13.39 16.30
N GLU A 179 9.92 12.58 17.25
CA GLU A 179 11.37 12.31 17.40
C GLU A 179 11.95 11.48 16.24
N PHE A 180 11.21 10.46 15.82
CA PHE A 180 11.69 9.65 14.69
C PHE A 180 11.79 10.57 13.49
N GLU A 181 10.72 11.34 13.30
CA GLU A 181 10.57 12.29 12.23
C GLU A 181 11.78 13.29 12.15
N ARG A 182 12.18 13.83 13.31
CA ARG A 182 13.31 14.77 13.36
C ARG A 182 14.67 14.14 13.04
N ALA A 183 14.88 12.89 13.41
CA ALA A 183 16.09 12.14 13.12
C ALA A 183 16.10 11.73 11.63
N ILE A 184 14.90 11.56 11.05
CA ILE A 184 14.83 11.27 9.63
C ILE A 184 15.19 12.54 8.86
N LYS A 185 14.70 13.69 9.27
CA LYS A 185 14.98 14.82 8.41
C LYS A 185 16.40 15.41 8.59
N THR A 186 16.95 15.24 9.80
CA THR A 186 18.38 15.39 10.01
C THR A 186 19.28 14.52 9.12
N LYS A 187 19.03 13.22 9.06
CA LYS A 187 19.76 12.29 8.15
C LYS A 187 19.60 12.56 6.61
N TYR A 188 18.36 12.89 6.17
CA TYR A 188 18.03 12.88 4.74
C TYR A 188 17.74 14.21 4.11
N GLY A 189 17.42 15.22 4.90
CA GLY A 189 16.94 16.48 4.37
C GLY A 189 15.54 16.75 4.92
N SER A 190 15.24 18.02 5.16
CA SER A 190 13.97 18.35 5.76
C SER A 190 12.76 18.24 4.80
N ASP A 191 12.97 18.05 3.51
CA ASP A 191 11.95 17.80 2.48
C ASP A 191 11.57 16.32 2.31
N THR A 192 12.14 15.45 3.14
CA THR A 192 11.86 14.01 3.17
C THR A 192 10.40 13.69 3.51
N GLU A 193 9.77 12.71 2.78
CA GLU A 193 8.39 12.27 3.09
C GLU A 193 8.40 10.97 3.90
N ILE A 194 7.51 10.84 4.86
CA ILE A 194 7.39 9.58 5.59
C ILE A 194 5.98 9.08 5.44
N LYS A 195 5.83 7.84 4.98
CA LYS A 195 4.57 7.10 4.89
C LYS A 195 4.50 6.00 5.92
N LEU A 196 3.31 5.90 6.48
CA LEU A 196 3.00 4.92 7.52
C LEU A 196 1.85 4.04 6.96
N LYS A 197 2.13 2.77 6.94
CA LYS A 197 1.21 1.77 6.39
C LYS A 197 -0.09 1.55 7.15
N SER A 198 -1.15 1.44 6.39
CA SER A 198 -2.44 1.12 6.90
C SER A 198 -2.61 -0.42 6.86
N LYS A 199 -3.52 -0.92 7.62
CA LYS A 199 -3.84 -2.39 7.50
C LYS A 199 -4.26 -2.86 6.13
N SER A 200 -4.69 -1.91 5.30
CA SER A 200 -5.09 -2.23 3.94
C SER A 200 -3.92 -2.38 2.97
N GLY A 201 -2.80 -1.86 3.36
CA GLY A 201 -1.76 -1.78 2.38
C GLY A 201 -1.44 -0.37 1.93
N ILE A 202 -2.38 0.56 2.12
CA ILE A 202 -2.12 1.98 1.85
C ILE A 202 -1.02 2.58 2.73
N MET A 203 -0.12 3.29 2.13
CA MET A 203 0.92 4.04 2.81
C MET A 203 0.55 5.50 2.86
N HIS A 204 -0.02 5.91 3.99
CA HIS A 204 -0.46 7.25 4.21
C HIS A 204 0.71 8.14 4.60
N ASP A 205 0.79 9.28 3.93
CA ASP A 205 1.72 10.32 4.28
C ASP A 205 1.41 10.76 5.70
N SER A 206 2.50 10.91 6.47
CA SER A 206 2.49 11.33 7.88
C SER A 206 1.78 12.71 8.12
N LYS A 207 2.06 13.69 7.27
CA LYS A 207 1.35 15.00 7.35
C LYS A 207 -0.13 14.92 6.95
N TYR A 208 -0.48 14.13 5.94
CA TYR A 208 -1.92 13.85 5.72
C TYR A 208 -2.65 13.31 7.02
N LEU A 209 -2.03 12.35 7.64
CA LEU A 209 -2.59 11.77 8.89
C LEU A 209 -2.75 12.85 10.00
N GLU A 210 -1.72 13.68 10.21
CA GLU A 210 -1.80 14.76 11.19
C GLU A 210 -2.85 15.80 10.84
N SER A 211 -2.93 16.22 9.55
CA SER A 211 -4.06 17.12 9.13
C SER A 211 -5.46 16.50 9.38
N TRP A 212 -5.57 15.17 9.34
CA TRP A 212 -6.85 14.52 9.65
C TRP A 212 -7.16 14.61 11.18
N GLU A 213 -6.15 14.27 12.03
CA GLU A 213 -6.31 14.36 13.49
C GLU A 213 -4.90 14.52 14.02
N ARG A 214 -4.61 15.60 14.75
CA ARG A 214 -3.30 15.75 15.38
C ARG A 214 -2.98 14.57 16.28
N GLY A 215 -1.78 14.02 16.17
CA GLY A 215 -1.33 12.82 16.89
C GLY A 215 -1.64 11.46 16.27
N SER A 216 -2.41 11.43 15.18
CA SER A 216 -2.70 10.18 14.36
C SER A 216 -1.45 9.47 13.84
N ALA A 217 -0.46 10.27 13.39
CA ALA A 217 0.78 9.73 12.84
C ALA A 217 1.47 8.94 13.97
N ASP A 218 1.45 9.55 15.16
CA ASP A 218 2.08 8.96 16.37
C ASP A 218 1.33 7.72 16.84
N ILE A 219 -0.01 7.79 16.80
CA ILE A 219 -0.84 6.60 17.11
C ILE A 219 -0.54 5.43 16.20
N ARG A 220 -0.50 5.68 14.89
CA ARG A 220 -0.14 4.63 13.95
C ARG A 220 1.29 4.13 14.18
N PHE A 221 2.25 5.05 14.34
CA PHE A 221 3.65 4.66 14.63
C PHE A 221 3.83 3.72 15.91
N ALA A 222 3.23 4.11 17.01
CA ALA A 222 3.24 3.34 18.27
C ALA A 222 2.68 1.93 18.08
N GLU A 223 1.58 1.85 17.31
CA GLU A 223 0.78 0.63 17.18
C GLU A 223 1.58 -0.48 16.50
N PHE A 224 2.44 -0.09 15.54
CA PHE A 224 3.33 -1.05 14.88
C PHE A 224 4.21 -1.85 15.89
N ALA A 225 4.64 -1.16 16.95
CA ALA A 225 5.46 -1.72 18.07
C ALA A 225 4.60 -2.33 19.24
N GLY A 226 3.26 -2.31 19.15
CA GLY A 226 2.40 -2.83 20.20
C GLY A 226 2.17 -1.85 21.36
#